data_4BWA
#
_entry.id   4BWA
#
_cell.length_a   104.800
_cell.length_b   104.800
_cell.length_c   72.860
_cell.angle_alpha   90.00
_cell.angle_beta   90.00
_cell.angle_gamma   120.00
#
_symmetry.space_group_name_H-M   'P 64'
#
loop_
_entity.id
_entity.type
_entity.pdbx_description
1 polymer 'PYRROLYSINE--TRNA LIGASE'
2 non-polymer 'MAGNESIUM ION'
3 non-polymer 'Adenylated Norbornene'
4 non-polymer DI(HYDROXYETHYL)ETHER
5 non-polymer 1,2-ETHANEDIOL
6 water water
#
_entity_poly.entity_id   1
_entity_poly.type   'polypeptide(L)'
_entity_poly.pdbx_seq_one_letter_code
;MGSSHHHHHHSSGLVPRGSHMASAPALTKSQTDRLEVLLNPKDEISLNSGKPFRELESELLSRRKKDLQQIYAEERENYL
GKLEREITRFFVDRGFLEIKSPILIPLEYIERMGIDNDTELSKQIFRVDKNFCLRPMLAPNLGNYLRKLDRALPDPIKIF
EIGPCYRKESDGKEHLEEFTMLNFCQMGSGCTRENLESIITDFLNHLGIDFKIVGDSCMVFGDTLDVMHGDLELSSAVVG
PRPLDREWGIDKPWIGAGFGLERLLKVKHDFKNIKRAARSESYYNGISTNL
;
_entity_poly.pdbx_strand_id   A
#
loop_
_chem_comp.id
_chem_comp.type
_chem_comp.name
_chem_comp.formula
EDO non-polymer 1,2-ETHANEDIOL 'C2 H6 O2'
MG non-polymer 'MAGNESIUM ION' 'Mg 2'
N0B non-polymer 'Adenylated Norbornene' 'C25 H36 N7 O10 P'
PEG non-polymer DI(HYDROXYETHYL)ETHER 'C4 H10 O3'
#
# COMPACT_ATOMS: atom_id res chain seq x y z
N ALA A 24 26.00 25.30 25.27
CA ALA A 24 25.12 24.51 24.35
C ALA A 24 25.37 23.00 24.51
N PRO A 25 24.66 22.34 25.45
CA PRO A 25 24.82 20.88 25.55
C PRO A 25 24.25 20.19 24.33
N ALA A 26 24.92 19.13 23.86
CA ALA A 26 24.42 18.37 22.73
C ALA A 26 22.98 17.87 23.03
N LEU A 27 22.18 17.66 22.01
CA LEU A 27 20.87 17.08 22.22
C LEU A 27 21.05 15.65 22.66
N THR A 28 20.18 15.20 23.58
CA THR A 28 20.14 13.80 23.96
C THR A 28 19.47 12.99 22.86
N LYS A 29 19.62 11.69 22.92
CA LYS A 29 18.98 10.82 21.94
C LYS A 29 17.42 10.87 22.00
N SER A 30 16.84 10.94 23.19
CA SER A 30 15.39 11.05 23.29
C SER A 30 14.91 12.42 22.77
N GLN A 31 15.70 13.47 23.01
CA GLN A 31 15.34 14.78 22.50
C GLN A 31 15.34 14.78 20.99
N THR A 32 16.37 14.21 20.38
CA THR A 32 16.44 14.19 18.92
C THR A 32 15.32 13.31 18.37
N ASP A 33 15.01 12.21 19.03
CA ASP A 33 13.81 11.42 18.67
C ASP A 33 12.54 12.28 18.69
N ARG A 34 12.39 13.10 19.73
CA ARG A 34 11.22 13.99 19.83
C ARG A 34 11.17 14.97 18.67
N LEU A 35 12.32 15.53 18.34
CA LEU A 35 12.36 16.49 17.26
C LEU A 35 12.07 15.83 15.89
N GLU A 36 12.42 14.54 15.75
CA GLU A 36 12.25 13.83 14.47
C GLU A 36 10.79 13.50 14.21
N VAL A 37 9.99 13.40 15.27
CA VAL A 37 8.57 13.28 15.16
C VAL A 37 7.94 14.53 14.54
N LEU A 38 8.49 15.69 14.88
CA LEU A 38 7.99 16.98 14.45
C LEU A 38 8.65 17.42 13.16
N LEU A 39 9.68 16.71 12.73
CA LEU A 39 10.40 17.10 11.51
C LEU A 39 9.65 16.73 10.23
N ASN A 40 9.63 17.66 9.28
CA ASN A 40 9.20 17.39 7.90
C ASN A 40 10.38 17.41 6.91
N PRO A 41 10.26 16.64 5.82
CA PRO A 41 11.37 16.51 4.87
C PRO A 41 11.89 17.86 4.33
N LYS A 42 10.98 18.72 3.90
CA LYS A 42 11.33 20.06 3.35
C LYS A 42 11.62 21.17 4.39
N ASP A 43 11.96 20.81 5.63
CA ASP A 43 12.15 21.80 6.69
C ASP A 43 13.41 22.66 6.52
N GLU A 44 14.52 22.02 6.16
CA GLU A 44 15.83 22.69 6.05
C GLU A 44 16.31 23.11 7.44
N ILE A 45 16.36 22.15 8.36
CA ILE A 45 16.81 22.41 9.73
C ILE A 45 17.69 21.24 10.23
N SER A 46 18.99 21.52 10.37
CA SER A 46 19.94 20.57 10.96
C SER A 46 20.01 20.80 12.46
N LEU A 47 20.08 19.72 13.23
CA LEU A 47 19.81 19.73 14.67
C LEU A 47 21.05 19.86 15.59
N ASN A 48 22.26 19.73 15.04
CA ASN A 48 23.47 20.06 15.82
C ASN A 48 23.94 21.46 15.42
N SER A 49 23.25 22.47 15.95
CA SER A 49 23.42 23.85 15.49
C SER A 49 23.44 24.94 16.58
N GLY A 50 23.51 24.55 17.86
CA GLY A 50 23.64 25.50 18.98
C GLY A 50 22.45 25.69 19.93
N LYS A 51 21.26 25.89 19.36
CA LYS A 51 20.07 26.27 20.16
C LYS A 51 19.56 25.15 21.05
N PRO A 52 19.05 25.51 22.24
CA PRO A 52 18.47 24.48 23.10
C PRO A 52 17.32 23.70 22.47
N PHE A 53 17.17 22.46 22.92
CA PHE A 53 16.01 21.65 22.67
C PHE A 53 14.69 22.43 22.69
N ARG A 54 14.41 23.14 23.78
CA ARG A 54 13.11 23.79 23.95
C ARG A 54 12.80 24.79 22.81
N GLU A 55 13.81 25.52 22.34
CA GLU A 55 13.60 26.42 21.19
C GLU A 55 13.40 25.65 19.89
N LEU A 56 14.22 24.63 19.67
CA LEU A 56 14.03 23.78 18.49
C LEU A 56 12.65 23.14 18.50
N GLU A 57 12.21 22.65 19.65
CA GLU A 57 10.88 22.03 19.76
C GLU A 57 9.77 23.03 19.47
N SER A 58 9.95 24.23 20.00
CA SER A 58 8.94 25.26 19.95
C SER A 58 8.79 25.77 18.51
N GLU A 59 9.93 25.88 17.82
CA GLU A 59 9.94 26.25 16.42
C GLU A 59 9.15 25.22 15.57
N LEU A 60 9.41 23.93 15.79
CA LEU A 60 8.79 22.88 14.99
C LEU A 60 7.33 22.70 15.27
N LEU A 61 6.91 22.89 16.53
CA LEU A 61 5.49 22.86 16.86
C LEU A 61 4.75 23.95 16.10
N SER A 62 5.32 25.14 16.11
CA SER A 62 4.69 26.28 15.50
C SER A 62 4.45 26.01 14.02
N ARG A 63 5.45 25.41 13.37
CA ARG A 63 5.37 25.09 11.96
C ARG A 63 4.36 24.00 11.68
N ARG A 64 4.28 23.00 12.56
CA ARG A 64 3.40 21.87 12.31
C ARG A 64 1.94 22.29 12.54
N LYS A 65 1.69 23.13 13.54
CA LYS A 65 0.36 23.71 13.73
C LYS A 65 -0.11 24.44 12.47
N LYS A 66 0.77 25.27 11.91
CA LYS A 66 0.52 26.00 10.68
C LYS A 66 0.17 25.05 9.55
N ASP A 67 0.94 23.97 9.43
CA ASP A 67 0.71 22.96 8.40
C ASP A 67 -0.74 22.42 8.48
N LEU A 68 -1.13 22.00 9.68
CA LEU A 68 -2.49 21.51 9.89
C LEU A 68 -3.55 22.58 9.66
N GLN A 69 -3.26 23.84 10.01
CA GLN A 69 -4.21 24.93 9.76
C GLN A 69 -4.45 25.13 8.28
N GLN A 70 -3.38 25.09 7.49
CA GLN A 70 -3.48 25.21 6.04
C GLN A 70 -4.32 24.08 5.45
N ILE A 71 -4.10 22.85 5.91
CA ILE A 71 -4.86 21.70 5.42
C ILE A 71 -6.32 21.92 5.73
N TYR A 72 -6.58 22.35 6.95
CA TYR A 72 -7.94 22.55 7.38
C TYR A 72 -8.60 23.71 6.63
N ALA A 73 -7.84 24.72 6.30
CA ALA A 73 -8.38 25.88 5.60
C ALA A 73 -8.59 25.61 4.10
N GLU A 74 -7.75 24.77 3.50
CA GLU A 74 -7.71 24.66 2.03
C GLU A 74 -8.02 23.25 1.49
N GLU A 75 -7.20 22.26 1.76
CA GLU A 75 -7.44 20.95 1.13
C GLU A 75 -8.55 20.11 1.86
N ARG A 76 -8.22 19.65 3.06
CA ARG A 76 -9.11 18.84 3.89
C ARG A 76 -9.22 17.37 3.56
N GLU A 77 -8.53 16.89 2.52
CA GLU A 77 -8.53 15.49 2.14
C GLU A 77 -7.38 14.73 2.81
N ASN A 78 -7.67 13.50 3.16
CA ASN A 78 -6.69 12.63 3.74
C ASN A 78 -5.87 12.01 2.63
N TYR A 79 -4.55 11.94 2.80
CA TYR A 79 -3.69 11.47 1.71
C TYR A 79 -4.04 10.07 1.22
N LEU A 80 -4.39 9.22 2.15
CA LEU A 80 -4.66 7.82 1.88
C LEU A 80 -6.00 7.66 1.20
N GLY A 81 -7.01 8.45 1.61
CA GLY A 81 -8.30 8.44 0.92
C GLY A 81 -8.11 9.03 -0.47
N LYS A 82 -7.36 10.12 -0.54
CA LYS A 82 -7.17 10.81 -1.80
C LYS A 82 -6.47 9.91 -2.81
N LEU A 83 -5.47 9.16 -2.35
CA LEU A 83 -4.73 8.28 -3.24
C LEU A 83 -5.61 7.18 -3.75
N GLU A 84 -6.40 6.60 -2.87
CA GLU A 84 -7.33 5.56 -3.27
C GLU A 84 -8.23 6.05 -4.39
N ARG A 85 -8.68 7.30 -4.28
CA ARG A 85 -9.60 7.83 -5.26
C ARG A 85 -8.90 8.12 -6.57
N GLU A 86 -7.64 8.54 -6.50
CA GLU A 86 -6.90 8.80 -7.73
C GLU A 86 -6.64 7.47 -8.45
N ILE A 87 -6.29 6.44 -7.71
CA ILE A 87 -5.99 5.14 -8.30
C ILE A 87 -7.24 4.55 -8.93
N THR A 88 -8.38 4.77 -8.27
CA THR A 88 -9.68 4.22 -8.70
C THR A 88 -10.03 4.84 -10.03
N ARG A 89 -9.82 6.14 -10.13
CA ARG A 89 -10.18 6.85 -11.33
C ARG A 89 -9.31 6.31 -12.47
N PHE A 90 -8.03 6.08 -12.17
CA PHE A 90 -7.09 5.61 -13.18
C PHE A 90 -7.51 4.25 -13.74
N PHE A 91 -7.83 3.29 -12.87
CA PHE A 91 -8.22 1.96 -13.35
C PHE A 91 -9.63 1.88 -13.97
N VAL A 92 -10.57 2.63 -13.44
CA VAL A 92 -11.90 2.67 -14.02
C VAL A 92 -11.80 3.21 -15.45
N ASP A 93 -11.06 4.31 -15.63
CA ASP A 93 -10.91 4.92 -16.94
C ASP A 93 -10.21 4.01 -17.97
N ARG A 94 -9.43 3.07 -17.48
CA ARG A 94 -8.68 2.18 -18.34
C ARG A 94 -9.42 0.87 -18.54
N GLY A 95 -10.70 0.81 -18.14
CA GLY A 95 -11.51 -0.39 -18.39
C GLY A 95 -11.60 -1.41 -17.27
N PHE A 96 -11.11 -1.09 -16.06
CA PHE A 96 -11.15 -2.05 -14.95
C PHE A 96 -12.36 -1.84 -14.02
N LEU A 97 -13.01 -2.93 -13.60
CA LEU A 97 -14.19 -2.90 -12.73
C LEU A 97 -13.77 -2.87 -11.28
N GLU A 98 -14.36 -1.92 -10.54
CA GLU A 98 -14.03 -1.65 -9.14
C GLU A 98 -14.72 -2.66 -8.23
N ILE A 99 -13.94 -3.40 -7.45
CA ILE A 99 -14.51 -4.39 -6.51
C ILE A 99 -14.41 -3.87 -5.08
N LYS A 100 -15.43 -4.16 -4.28
CA LYS A 100 -15.36 -4.01 -2.84
C LYS A 100 -15.89 -5.33 -2.21
N SER A 101 -14.96 -6.18 -1.78
CA SER A 101 -15.25 -7.51 -1.26
C SER A 101 -14.97 -7.54 0.24
N PRO A 102 -15.38 -8.61 0.92
CA PRO A 102 -15.22 -8.65 2.37
C PRO A 102 -13.78 -8.52 2.85
N ILE A 103 -13.58 -7.81 3.96
CA ILE A 103 -12.25 -7.70 4.58
C ILE A 103 -12.02 -8.89 5.49
N LEU A 104 -13.08 -9.31 6.15
CA LEU A 104 -13.07 -10.47 7.04
C LEU A 104 -13.43 -11.73 6.24
N ILE A 105 -12.49 -12.66 6.08
CA ILE A 105 -12.69 -13.81 5.18
C ILE A 105 -12.50 -15.17 5.84
N PRO A 106 -12.89 -16.27 5.16
CA PRO A 106 -12.67 -17.60 5.70
C PRO A 106 -11.20 -18.02 5.64
N LEU A 107 -10.72 -18.69 6.70
CA LEU A 107 -9.37 -19.23 6.71
C LEU A 107 -9.11 -20.19 5.56
N GLU A 108 -10.15 -20.92 5.18
CA GLU A 108 -10.07 -21.86 4.07
C GLU A 108 -9.50 -21.23 2.79
N TYR A 109 -9.83 -19.96 2.53
CA TYR A 109 -9.29 -19.25 1.35
C TYR A 109 -7.77 -19.11 1.44
N ILE A 110 -7.25 -19.07 2.65
CA ILE A 110 -5.79 -18.99 2.84
C ILE A 110 -5.14 -20.34 2.69
N GLU A 111 -5.74 -21.35 3.32
CA GLU A 111 -5.33 -22.74 3.12
C GLU A 111 -5.31 -23.04 1.62
N ARG A 112 -6.42 -22.73 0.97
CA ARG A 112 -6.57 -22.87 -0.49
C ARG A 112 -5.45 -22.21 -1.31
N MET A 113 -4.86 -21.16 -0.75
CA MET A 113 -3.80 -20.38 -1.41
C MET A 113 -2.41 -21.00 -1.20
N GLY A 114 -2.33 -22.33 -1.09
CA GLY A 114 -1.06 -23.02 -0.88
C GLY A 114 -0.68 -23.29 0.57
N ILE A 115 -0.99 -22.33 1.44
CA ILE A 115 -0.53 -22.31 2.84
C ILE A 115 -1.20 -23.36 3.74
N ASP A 116 -0.46 -23.84 4.74
CA ASP A 116 -1.01 -24.71 5.80
C ASP A 116 -0.83 -24.02 7.13
N ASN A 117 -1.36 -24.63 8.20
CA ASN A 117 -1.21 -24.08 9.56
C ASN A 117 0.21 -24.17 10.13
N ASP A 118 1.14 -24.67 9.31
CA ASP A 118 2.57 -24.64 9.60
C ASP A 118 3.36 -24.32 8.33
N LEU A 121 5.17 -18.11 7.46
CA LEU A 121 4.06 -17.52 6.71
C LEU A 121 2.78 -17.42 7.55
N SER A 122 2.31 -18.55 8.08
CA SER A 122 0.97 -18.67 8.71
C SER A 122 0.79 -18.05 10.10
N LYS A 123 1.89 -17.84 10.83
CA LYS A 123 1.83 -17.14 12.12
C LYS A 123 1.61 -15.63 11.92
N GLN A 124 1.58 -15.20 10.66
CA GLN A 124 1.31 -13.79 10.28
C GLN A 124 -0.18 -13.42 10.15
N ILE A 125 -1.08 -14.39 10.26
CA ILE A 125 -2.51 -14.13 10.04
C ILE A 125 -3.19 -13.72 11.33
N PHE A 126 -4.02 -12.69 11.28
CA PHE A 126 -4.90 -12.35 12.37
C PHE A 126 -6.17 -13.18 12.30
N ARG A 127 -6.25 -14.25 13.07
CA ARG A 127 -7.48 -15.02 13.18
C ARG A 127 -8.52 -14.27 13.99
N VAL A 128 -9.78 -14.35 13.58
CA VAL A 128 -10.84 -13.71 14.34
C VAL A 128 -11.70 -14.72 15.11
N ASP A 129 -11.86 -15.88 14.53
CA ASP A 129 -12.76 -16.90 15.02
C ASP A 129 -12.20 -18.21 14.53
N LYS A 130 -12.90 -19.30 14.79
CA LYS A 130 -12.40 -20.60 14.36
C LYS A 130 -12.26 -20.63 12.86
N ASN A 131 -13.23 -20.08 12.14
CA ASN A 131 -13.21 -20.12 10.67
C ASN A 131 -12.77 -18.85 9.96
N PHE A 132 -12.51 -17.78 10.69
CA PHE A 132 -12.35 -16.49 10.04
C PHE A 132 -11.09 -15.75 10.39
N CYS A 133 -10.63 -14.93 9.45
CA CYS A 133 -9.46 -14.10 9.65
C CYS A 133 -9.59 -12.78 8.91
N LEU A 134 -8.72 -11.85 9.24
CA LEU A 134 -8.58 -10.60 8.51
C LEU A 134 -7.71 -10.90 7.33
N ARG A 135 -8.16 -10.47 6.14
CA ARG A 135 -7.53 -10.90 4.91
C ARG A 135 -6.10 -10.36 4.93
N PRO A 136 -5.12 -11.16 4.53
CA PRO A 136 -3.76 -10.66 4.34
C PRO A 136 -3.47 -10.26 2.90
N MET A 137 -4.43 -10.51 2.02
CA MET A 137 -4.27 -10.23 0.60
C MET A 137 -5.63 -10.11 -0.10
N LEU A 138 -5.61 -9.53 -1.29
CA LEU A 138 -6.85 -9.35 -2.07
C LEU A 138 -7.04 -10.48 -3.11
N ALA A 139 -5.98 -11.22 -3.41
CA ALA A 139 -5.99 -12.19 -4.52
C ALA A 139 -7.13 -13.23 -4.49
N PRO A 140 -7.41 -13.84 -3.31
CA PRO A 140 -8.48 -14.85 -3.17
C PRO A 140 -9.88 -14.37 -3.57
N ASN A 141 -10.30 -13.20 -3.06
CA ASN A 141 -11.62 -12.68 -3.39
C ASN A 141 -11.65 -12.29 -4.86
N LEU A 142 -10.54 -11.77 -5.38
CA LEU A 142 -10.46 -11.43 -6.78
C LEU A 142 -10.62 -12.68 -7.67
N GLY A 143 -10.05 -13.79 -7.22
CA GLY A 143 -10.16 -15.06 -7.92
C GLY A 143 -11.60 -15.51 -8.07
N ASN A 144 -12.35 -15.42 -6.97
CA ASN A 144 -13.77 -15.72 -7.00
C ASN A 144 -14.54 -14.78 -7.95
N TYR A 145 -14.20 -13.50 -7.95
CA TYR A 145 -14.86 -12.56 -8.85
C TYR A 145 -14.53 -12.88 -10.32
N LEU A 146 -13.26 -13.21 -10.60
CA LEU A 146 -12.87 -13.66 -11.92
C LEU A 146 -13.69 -14.88 -12.38
N ARG A 147 -13.81 -15.91 -11.55
CA ARG A 147 -14.55 -17.10 -11.95
C ARG A 147 -16.01 -16.74 -12.23
N LYS A 148 -16.64 -15.98 -11.34
CA LYS A 148 -18.07 -15.73 -11.47
C LYS A 148 -18.41 -14.83 -12.68
N LEU A 149 -17.59 -13.82 -12.89
CA LEU A 149 -17.83 -12.86 -13.97
C LEU A 149 -17.50 -13.44 -15.35
N ASP A 150 -16.75 -14.53 -15.41
CA ASP A 150 -16.50 -15.19 -16.69
C ASP A 150 -17.81 -15.65 -17.36
N ARG A 151 -18.83 -15.92 -16.56
CA ARG A 151 -20.14 -16.30 -17.05
C ARG A 151 -20.97 -15.14 -17.61
N ALA A 152 -20.54 -13.91 -17.34
CA ALA A 152 -21.33 -12.74 -17.70
C ALA A 152 -20.60 -11.77 -18.63
N LEU A 153 -19.30 -11.58 -18.44
CA LEU A 153 -18.60 -10.50 -19.11
C LEU A 153 -17.74 -10.93 -20.29
N PRO A 154 -17.59 -10.03 -21.28
CA PRO A 154 -16.78 -10.37 -22.44
C PRO A 154 -15.30 -10.27 -22.13
N ASP A 155 -14.54 -11.01 -22.93
CA ASP A 155 -13.10 -11.09 -22.87
C ASP A 155 -12.47 -9.79 -23.40
N PRO A 156 -11.44 -9.26 -22.72
CA PRO A 156 -10.87 -9.76 -21.47
C PRO A 156 -11.63 -9.24 -20.28
N ILE A 157 -11.52 -9.94 -19.15
CA ILE A 157 -12.12 -9.47 -17.93
C ILE A 157 -11.05 -8.74 -17.09
N LYS A 158 -11.34 -7.48 -16.75
CA LYS A 158 -10.43 -6.60 -16.04
C LYS A 158 -11.07 -6.08 -14.73
N ILE A 159 -10.40 -6.29 -13.59
CA ILE A 159 -10.94 -5.86 -12.29
C ILE A 159 -9.86 -5.44 -11.30
N PHE A 160 -10.25 -4.70 -10.27
CA PHE A 160 -9.31 -4.29 -9.23
C PHE A 160 -10.04 -4.04 -7.95
N GLU A 161 -9.30 -4.14 -6.84
CA GLU A 161 -9.78 -3.78 -5.56
C GLU A 161 -8.71 -2.97 -4.88
N ILE A 162 -9.16 -2.09 -4.01
CA ILE A 162 -8.32 -1.34 -3.11
C ILE A 162 -8.94 -1.43 -1.73
N GLY A 163 -8.14 -1.75 -0.74
CA GLY A 163 -8.64 -1.82 0.62
C GLY A 163 -7.67 -2.43 1.62
N PRO A 164 -8.07 -2.45 2.90
CA PRO A 164 -7.23 -2.93 3.99
C PRO A 164 -6.83 -4.39 3.92
N CYS A 165 -5.58 -4.67 4.27
CA CYS A 165 -5.08 -6.04 4.48
C CYS A 165 -4.26 -6.07 5.76
N TYR A 166 -4.15 -7.26 6.34
CA TYR A 166 -3.63 -7.44 7.66
C TYR A 166 -2.60 -8.57 7.78
N ARG A 167 -1.42 -8.21 8.26
CA ARG A 167 -0.33 -9.15 8.50
C ARG A 167 0.44 -8.78 9.77
N LYS A 168 0.70 -9.76 10.62
CA LYS A 168 1.49 -9.59 11.83
C LYS A 168 2.95 -9.54 11.45
N GLU A 169 3.63 -8.48 11.83
CA GLU A 169 4.97 -8.21 11.32
C GLU A 169 6.11 -9.10 11.78
N SER A 170 7.03 -9.36 10.86
CA SER A 170 8.31 -9.97 11.19
C SER A 170 9.42 -8.94 11.05
N ASP A 171 9.14 -7.85 10.35
CA ASP A 171 10.12 -6.80 10.11
C ASP A 171 9.72 -5.50 10.81
N GLY A 172 8.83 -4.76 10.18
CA GLY A 172 8.31 -3.52 10.70
C GLY A 172 9.06 -2.26 10.35
N LYS A 173 10.21 -2.38 9.70
CA LYS A 173 10.88 -1.19 9.20
C LYS A 173 10.10 -0.53 8.07
N GLU A 174 9.63 -1.37 7.14
CA GLU A 174 8.81 -0.93 6.02
C GLU A 174 7.46 -1.61 6.07
N HIS A 175 7.19 -2.29 7.17
CA HIS A 175 6.01 -3.11 7.24
C HIS A 175 5.01 -2.65 8.28
N LEU A 176 3.76 -2.55 7.87
CA LEU A 176 2.68 -2.20 8.75
C LEU A 176 1.86 -3.45 9.00
N GLU A 177 1.23 -3.52 10.16
CA GLU A 177 0.30 -4.60 10.43
C GLU A 177 -1.01 -4.36 9.69
N GLU A 178 -1.44 -3.10 9.66
CA GLU A 178 -2.64 -2.70 8.97
C GLU A 178 -2.22 -1.86 7.78
N PHE A 179 -2.43 -2.37 6.58
CA PHE A 179 -2.07 -1.60 5.39
C PHE A 179 -3.20 -1.59 4.37
N THR A 180 -2.96 -0.92 3.26
CA THR A 180 -3.93 -0.80 2.21
C THR A 180 -3.30 -1.25 0.90
N MET A 181 -3.90 -2.25 0.25
CA MET A 181 -3.35 -2.76 -1.01
C MET A 181 -4.28 -2.39 -2.14
N LEU A 182 -3.67 -2.17 -3.29
CA LEU A 182 -4.34 -2.24 -4.58
C LEU A 182 -3.93 -3.56 -5.21
N ASN A 183 -4.89 -4.31 -5.77
CA ASN A 183 -4.60 -5.50 -6.56
C ASN A 183 -5.46 -5.39 -7.80
N PHE A 184 -4.84 -5.31 -8.98
CA PHE A 184 -5.58 -5.46 -10.25
C PHE A 184 -5.33 -6.77 -10.97
N CYS A 185 -6.30 -7.18 -11.80
CA CYS A 185 -6.23 -8.44 -12.55
C CYS A 185 -6.83 -8.32 -13.92
N GLN A 186 -6.24 -9.04 -14.89
CA GLN A 186 -6.85 -9.21 -16.20
C GLN A 186 -6.91 -10.71 -16.50
N MET A 187 -8.00 -11.16 -17.10
CA MET A 187 -8.15 -12.59 -17.47
C MET A 187 -8.68 -12.77 -18.88
N GLY A 188 -8.10 -13.72 -19.59
CA GLY A 188 -8.46 -14.00 -21.00
C GLY A 188 -7.33 -13.57 -21.92
N SER A 189 -7.64 -12.73 -22.89
CA SER A 189 -6.67 -12.25 -23.86
C SER A 189 -5.87 -11.06 -23.34
N GLY A 190 -4.74 -10.78 -24.01
CA GLY A 190 -3.87 -9.64 -23.68
C GLY A 190 -3.06 -9.81 -22.40
N CYS A 191 -2.99 -11.04 -21.88
CA CYS A 191 -2.35 -11.28 -20.58
C CYS A 191 -0.89 -11.65 -20.73
N THR A 192 -0.10 -10.70 -21.21
CA THR A 192 1.32 -10.87 -21.42
C THR A 192 2.15 -10.03 -20.47
N ARG A 193 3.43 -10.38 -20.36
CA ARG A 193 4.39 -9.57 -19.64
C ARG A 193 4.45 -8.16 -20.21
N GLU A 194 4.55 -8.00 -21.52
CA GLU A 194 4.62 -6.65 -22.12
C GLU A 194 3.45 -5.79 -21.66
N ASN A 195 2.27 -6.40 -21.62
CA ASN A 195 1.05 -5.72 -21.26
C ASN A 195 1.03 -5.37 -19.78
N LEU A 196 1.50 -6.30 -18.96
CA LEU A 196 1.57 -6.11 -17.53
C LEU A 196 2.54 -4.97 -17.20
N GLU A 197 3.69 -4.93 -17.86
CA GLU A 197 4.68 -3.87 -17.65
C GLU A 197 4.16 -2.50 -18.12
N SER A 198 3.39 -2.52 -19.19
CA SER A 198 2.87 -1.30 -19.75
C SER A 198 1.81 -0.67 -18.84
N ILE A 199 1.00 -1.50 -18.21
CA ILE A 199 0.03 -1.02 -17.24
C ILE A 199 0.74 -0.48 -16.01
N ILE A 200 1.71 -1.22 -15.51
CA ILE A 200 2.45 -0.77 -14.35
C ILE A 200 3.13 0.55 -14.67
N THR A 201 3.67 0.65 -15.88
CA THR A 201 4.49 1.78 -16.24
C THR A 201 3.61 3.01 -16.33
N ASP A 202 2.48 2.90 -17.01
CA ASP A 202 1.55 4.04 -17.17
C ASP A 202 1.07 4.52 -15.83
N PHE A 203 0.89 3.54 -14.95
CA PHE A 203 0.29 3.78 -13.66
C PHE A 203 1.21 4.59 -12.78
N LEU A 204 2.46 4.16 -12.65
CA LEU A 204 3.41 4.90 -11.80
C LEU A 204 3.87 6.22 -12.40
N ASN A 205 3.96 6.27 -13.73
CA ASN A 205 4.21 7.54 -14.41
C ASN A 205 3.08 8.55 -14.15
N HIS A 206 1.84 8.08 -14.15
CA HIS A 206 0.67 8.93 -13.80
C HIS A 206 0.79 9.46 -12.36
N LEU A 207 1.20 8.63 -11.43
CA LEU A 207 1.35 9.06 -10.03
C LEU A 207 2.61 9.89 -9.86
N GLY A 208 3.55 9.85 -10.80
CA GLY A 208 4.83 10.52 -10.59
C GLY A 208 5.76 9.87 -9.55
N ILE A 209 5.87 8.54 -9.62
CA ILE A 209 6.80 7.76 -8.78
C ILE A 209 7.81 6.98 -9.63
N ASP A 210 9.09 7.20 -9.37
CA ASP A 210 10.18 6.52 -10.06
C ASP A 210 10.21 5.05 -9.69
N PHE A 211 10.58 4.19 -10.63
CA PHE A 211 10.56 2.78 -10.36
C PHE A 211 11.45 2.05 -11.35
N LYS A 212 11.86 0.84 -10.99
CA LYS A 212 12.39 -0.10 -11.95
C LYS A 212 11.73 -1.47 -11.71
N ILE A 213 11.66 -2.30 -12.76
CA ILE A 213 11.03 -3.61 -12.69
C ILE A 213 12.10 -4.71 -12.72
N VAL A 214 12.03 -5.65 -11.78
CA VAL A 214 13.09 -6.64 -11.58
C VAL A 214 12.58 -8.08 -11.78
N GLY A 215 12.11 -8.70 -10.68
CA GLY A 215 11.77 -10.12 -10.70
C GLY A 215 12.46 -10.92 -9.60
N ASP A 216 11.65 -11.61 -8.80
CA ASP A 216 12.11 -12.44 -7.66
C ASP A 216 11.37 -13.78 -7.65
N ASP A 223 6.08 -15.95 -15.24
CA ASP A 223 7.03 -14.93 -14.78
C ASP A 223 6.59 -14.21 -13.48
N THR A 224 7.57 -13.89 -12.64
CA THR A 224 7.39 -13.14 -11.38
C THR A 224 8.19 -11.84 -11.45
N LEU A 225 7.54 -10.74 -11.08
CA LEU A 225 8.15 -9.41 -11.22
C LEU A 225 8.06 -8.67 -9.91
N ASP A 226 9.06 -7.85 -9.64
CA ASP A 226 8.99 -6.96 -8.50
C ASP A 226 9.23 -5.52 -8.99
N VAL A 227 8.45 -4.60 -8.45
CA VAL A 227 8.50 -3.22 -8.85
C VAL A 227 9.09 -2.47 -7.66
N MET A 228 10.27 -1.88 -7.90
CA MET A 228 11.15 -1.38 -6.85
C MET A 228 11.39 0.11 -6.96
N HIS A 229 11.45 0.78 -5.81
CA HIS A 229 11.94 2.14 -5.72
C HIS A 229 13.18 2.11 -4.82
N GLY A 230 14.37 2.05 -5.41
CA GLY A 230 15.58 1.75 -4.62
C GLY A 230 15.44 0.38 -3.98
N ASP A 231 15.60 0.30 -2.66
CA ASP A 231 15.49 -0.98 -1.94
C ASP A 231 14.07 -1.31 -1.48
N LEU A 232 13.12 -0.43 -1.76
CA LEU A 232 11.74 -0.57 -1.32
C LEU A 232 10.80 -1.23 -2.36
N GLU A 233 10.12 -2.31 -1.96
CA GLU A 233 9.21 -3.02 -2.86
C GLU A 233 7.90 -2.23 -2.94
N LEU A 234 7.54 -1.75 -4.13
CA LEU A 234 6.21 -1.15 -4.31
C LEU A 234 5.16 -2.20 -4.62
N SER A 235 5.53 -3.19 -5.44
CA SER A 235 4.62 -4.22 -5.87
C SER A 235 5.27 -5.55 -6.24
N SER A 236 4.55 -6.64 -5.97
CA SER A 236 4.80 -7.93 -6.59
C SER A 236 3.75 -8.16 -7.69
N ALA A 237 4.19 -8.73 -8.81
CA ALA A 237 3.31 -8.95 -9.95
C ALA A 237 3.57 -10.29 -10.61
N VAL A 238 2.54 -10.83 -11.27
CA VAL A 238 2.59 -12.18 -11.79
C VAL A 238 1.92 -12.26 -13.15
N VAL A 239 2.49 -13.05 -14.02
CA VAL A 239 1.83 -13.42 -15.27
C VAL A 239 1.58 -14.90 -15.19
N GLY A 240 0.30 -15.25 -15.20
CA GLY A 240 -0.11 -16.64 -15.06
C GLY A 240 0.07 -17.38 -16.36
N PRO A 241 -0.39 -18.64 -16.41
CA PRO A 241 -1.10 -19.32 -15.33
C PRO A 241 -0.17 -19.89 -14.25
N ARG A 242 -0.72 -20.11 -13.07
CA ARG A 242 -0.02 -20.76 -11.95
C ARG A 242 -0.77 -22.06 -11.68
N PRO A 243 -0.07 -23.09 -11.16
CA PRO A 243 -0.73 -24.40 -11.06
C PRO A 243 -2.00 -24.40 -10.18
N LEU A 244 -1.96 -23.68 -9.06
CA LEU A 244 -3.12 -23.63 -8.13
C LEU A 244 -4.29 -22.77 -8.60
N ASP A 245 -4.23 -22.27 -9.83
CA ASP A 245 -5.39 -21.64 -10.47
C ASP A 245 -6.67 -22.49 -10.40
N ARG A 246 -6.53 -23.81 -10.58
CA ARG A 246 -7.70 -24.70 -10.65
C ARG A 246 -8.48 -24.72 -9.34
N GLU A 247 -7.81 -24.39 -8.23
CA GLU A 247 -8.49 -24.26 -6.93
C GLU A 247 -9.51 -23.11 -6.87
N TRP A 248 -9.45 -22.17 -7.80
CA TRP A 248 -10.42 -21.04 -7.89
C TRP A 248 -11.26 -21.15 -9.17
N GLY A 249 -11.19 -22.31 -9.84
CA GLY A 249 -11.93 -22.52 -11.06
C GLY A 249 -11.41 -21.67 -12.22
N ILE A 250 -10.13 -21.29 -12.14
CA ILE A 250 -9.49 -20.46 -13.15
C ILE A 250 -8.72 -21.37 -14.08
N ASP A 251 -9.00 -21.31 -15.38
CA ASP A 251 -8.23 -22.07 -16.37
C ASP A 251 -7.90 -21.25 -17.62
N LYS A 252 -7.88 -19.93 -17.49
CA LYS A 252 -7.49 -19.02 -18.57
C LYS A 252 -6.15 -18.33 -18.26
N PRO A 253 -5.56 -17.64 -19.26
CA PRO A 253 -4.40 -16.78 -18.99
C PRO A 253 -4.81 -15.57 -18.15
N TRP A 254 -3.91 -15.07 -17.31
CA TRP A 254 -4.17 -13.92 -16.48
C TRP A 254 -2.87 -13.17 -16.15
N ILE A 255 -3.01 -11.94 -15.65
CA ILE A 255 -1.89 -11.15 -15.16
C ILE A 255 -2.42 -10.33 -14.02
N GLY A 256 -1.60 -10.07 -13.01
CA GLY A 256 -2.07 -9.34 -11.85
C GLY A 256 -0.93 -8.69 -11.14
N ALA A 257 -1.24 -7.70 -10.30
CA ALA A 257 -0.22 -7.02 -9.52
C ALA A 257 -0.82 -6.39 -8.30
N GLY A 258 -0.12 -6.49 -7.17
CA GLY A 258 -0.51 -5.84 -5.93
C GLY A 258 0.45 -4.74 -5.52
N PHE A 259 -0.08 -3.58 -5.09
CA PHE A 259 0.69 -2.43 -4.68
C PHE A 259 0.25 -1.97 -3.29
N GLY A 260 1.19 -1.58 -2.45
CA GLY A 260 0.86 -1.01 -1.14
C GLY A 260 0.72 0.50 -1.19
N LEU A 261 -0.47 1.01 -0.88
CA LEU A 261 -0.68 2.47 -0.94
C LEU A 261 0.21 3.27 0.01
N GLU A 262 0.42 2.76 1.21
CA GLU A 262 1.31 3.44 2.17
C GLU A 262 2.76 3.50 1.68
N ARG A 263 3.23 2.45 1.02
CA ARG A 263 4.57 2.48 0.39
C ARG A 263 4.63 3.57 -0.67
N LEU A 264 3.61 3.62 -1.54
CA LEU A 264 3.50 4.69 -2.54
C LEU A 264 3.53 6.08 -1.89
N LEU A 265 2.80 6.27 -0.79
CA LEU A 265 2.81 7.57 -0.12
C LEU A 265 4.18 7.92 0.44
N LYS A 266 4.83 6.94 1.05
CA LYS A 266 6.15 7.14 1.66
C LYS A 266 7.11 7.70 0.65
N VAL A 267 7.02 7.16 -0.57
CA VAL A 267 7.88 7.59 -1.66
C VAL A 267 7.39 8.91 -2.22
N LYS A 268 6.10 9.04 -2.47
CA LYS A 268 5.60 10.30 -3.02
C LYS A 268 5.97 11.48 -2.12
N HIS A 269 5.82 11.32 -0.81
CA HIS A 269 5.96 12.44 0.10
C HIS A 269 7.28 12.39 0.85
N ASP A 270 8.11 11.43 0.50
CA ASP A 270 9.47 11.38 0.99
C ASP A 270 9.50 11.24 2.52
N PHE A 271 8.62 10.39 3.03
CA PHE A 271 8.59 10.11 4.46
C PHE A 271 9.73 9.20 4.88
N LYS A 272 10.35 9.49 6.02
CA LYS A 272 11.40 8.62 6.60
C LYS A 272 10.81 7.31 7.11
N ASN A 273 9.65 7.37 7.75
CA ASN A 273 8.99 6.19 8.29
C ASN A 273 7.59 6.00 7.71
N ILE A 274 7.33 4.79 7.24
CA ILE A 274 6.05 4.46 6.66
C ILE A 274 4.85 4.61 7.62
N LYS A 275 5.07 4.55 8.93
CA LYS A 275 4.03 4.89 9.93
C LYS A 275 3.35 6.23 9.65
N ARG A 276 4.05 7.13 8.99
CA ARG A 276 3.49 8.44 8.65
C ARG A 276 2.43 8.41 7.58
N ALA A 277 2.41 7.30 6.82
CA ALA A 277 1.53 7.08 5.69
C ALA A 277 0.30 6.26 6.05
N ALA A 278 0.28 5.71 7.26
CA ALA A 278 -0.73 4.76 7.67
C ALA A 278 -1.95 5.42 8.30
N ARG A 279 -3.03 4.64 8.36
CA ARG A 279 -4.11 4.88 9.29
C ARG A 279 -3.53 5.04 10.66
N SER A 280 -3.82 6.15 11.33
CA SER A 280 -3.12 6.46 12.54
C SER A 280 -3.88 7.47 13.34
N GLU A 281 -3.69 7.42 14.66
CA GLU A 281 -4.07 8.51 15.53
C GLU A 281 -2.89 9.44 15.81
N SER A 282 -1.70 9.07 15.35
CA SER A 282 -0.47 9.82 15.63
C SER A 282 -0.02 10.73 14.49
N TYR A 283 -0.46 10.48 13.28
CA TYR A 283 -0.09 11.32 12.14
C TYR A 283 -1.32 11.60 11.28
N TYR A 284 -1.41 12.84 10.78
CA TYR A 284 -2.41 13.23 9.77
C TYR A 284 -1.65 13.76 8.58
N ASN A 285 -1.82 13.08 7.44
CA ASN A 285 -1.11 13.41 6.24
C ASN A 285 0.39 13.61 6.56
N GLY A 286 0.97 12.73 7.38
CA GLY A 286 2.40 12.81 7.74
C GLY A 286 2.82 13.84 8.80
N ILE A 287 1.84 14.54 9.38
CA ILE A 287 2.12 15.59 10.35
C ILE A 287 1.73 15.07 11.72
N SER A 288 2.67 15.11 12.67
CA SER A 288 2.39 14.62 14.02
C SER A 288 1.16 15.28 14.55
N THR A 289 0.33 14.49 15.22
CA THR A 289 -0.83 15.00 15.92
C THR A 289 -0.59 15.18 17.43
N ASN A 290 0.62 14.88 17.89
CA ASN A 290 0.99 15.09 19.29
C ASN A 290 1.76 16.40 19.38
N LEU A 291 0.99 17.49 19.38
CA LEU A 291 1.52 18.83 19.33
C LEU A 291 1.30 19.56 20.66
MG MG B . 6.04 -9.68 -2.38
C1 N0B C . 0.78 -10.25 -2.47
N1 N0B C . 3.03 -3.31 5.03
C2 N0B C . 2.96 -2.38 3.99
O2 N0B C . 0.43 -10.55 -1.32
C3 N0B C . -0.20 -10.35 -3.60
N3 N0B C . 2.84 -2.83 2.70
C4 N0B C . 2.79 -4.17 2.48
N4 N0B C . -0.75 -11.70 -3.44
C5 N0B C . 2.85 -5.06 3.49
C6 N0B C . 2.98 -4.62 4.74
N6 N0B C . 3.01 -5.52 5.71
C7 N0B C . 0.56 -10.11 -4.93
N7 N0B C . 2.75 -6.29 2.99
C8 N0B C . 2.65 -6.16 1.66
C9 N0B C . -0.48 -10.05 -6.03
N9 N0B C . 2.68 -4.85 1.34
PA N0B C . 2.72 -8.96 -1.86
C1' N0B C . 2.56 -4.09 0.07
C10 N0B C . 0.27 -10.62 -7.22
C11 N0B C . -0.71 -10.92 -8.32
N12 N0B C . -1.64 -11.90 -7.81
O1A N0B C . 2.72 -9.65 -0.56
C2' N0B C . 3.80 -3.93 -0.79
O2' N0B C . 3.85 -2.62 -1.30
C22 N0B C . -2.87 -11.89 -8.29
O23 N0B C . -3.19 -11.07 -9.17
O24 N0B C . -3.78 -12.75 -7.80
C25 N0B C . -4.30 -13.58 -8.85
C26 N0B C . -5.54 -14.23 -8.28
C27 N0B C . -6.73 -14.09 -9.30
C28 N0B C . -6.98 -15.53 -9.56
C29 N0B C . -5.85 -16.13 -10.39
O2A N0B C . 3.98 -8.54 -2.50
C3' N0B C . 3.51 -4.71 -2.04
O3' N0B C . 4.69 -5.31 -2.51
C30 N0B C . -4.93 -16.41 -9.44
C31 N0B C . -5.38 -15.74 -8.15
C32 N0B C . -6.80 -16.13 -8.18
O3A N0B C . 2.01 -9.87 -2.85
C4' N0B C . 2.58 -5.69 -1.47
O4' N0B C . 1.66 -4.82 -0.73
C5' N0B C . 1.92 -6.56 -2.52
O5' N0B C . 1.71 -7.72 -1.77
C1 PEG D . -11.70 1.15 1.08
O1 PEG D . -12.38 -0.09 0.81
C2 PEG D . -10.21 0.98 1.40
O2 PEG D . -9.70 2.01 2.26
C3 PEG D . -8.27 2.15 2.38
C4 PEG D . -7.86 3.62 2.52
O4 PEG D . -7.72 4.31 1.25
C1 EDO E . -2.85 11.87 -2.75
O1 EDO E . -2.26 11.84 -4.05
C2 EDO E . -1.84 12.27 -1.69
O2 EDO E . -0.50 12.10 -2.18
C1 EDO F . -2.02 9.07 5.90
O1 EDO F . -0.82 9.88 5.88
C2 EDO F . -3.22 9.77 6.59
O2 EDO F . -3.23 9.64 8.03
#